data_9F5K
#
_entry.id   9F5K
#
_cell.length_a   37.941
_cell.length_b   43.853
_cell.length_c   56.082
_cell.angle_alpha   90.000
_cell.angle_beta   94.340
_cell.angle_gamma   90.000
#
_symmetry.space_group_name_H-M   'P 1 21 1'
#
loop_
_entity.id
_entity.type
_entity.pdbx_description
1 polymer 'Heterogeneous nuclear ribonucleoprotein A1, N-terminally processed'
2 non-polymer ~{N}-(2-azanyl-2-oxidanylidene-ethyl)-4-methoxy-benzamide
3 water water
#
_entity_poly.entity_id   1
_entity_poly.type   'polypeptide(L)'
_entity_poly.pdbx_seq_one_letter_code
;GPMGSKSESPKEPEQLRKLFIGGLSFETTDESLRSHFEQWGTLTDCVVMRDPNTKRSRGFGFVTYATVEEVDAAMNARPH
KVDGRVVEPKRAVSREDSQRPGAHLTVKKIFVGGIKEDTEEHHLRDYFEQYGKIEVIEIMTDRGSGKKRGFAFVTFDDHD
SVDKIVIQKYHTVNGHNCEVRKALSKQEMASASSSQRG
;
_entity_poly.pdbx_strand_id   A
#
loop_
_chem_comp.id
_chem_comp.type
_chem_comp.name
_chem_comp.formula
ONQ non-polymer ~{N}-(2-azanyl-2-oxidanylidene-ethyl)-4-methoxy-benzamide 'C10 H12 N2 O3'
#
# COMPACT_ATOMS: atom_id res chain seq x y z
N PRO A 10 -0.79 -20.92 -10.24
CA PRO A 10 -1.89 -20.11 -9.71
C PRO A 10 -1.51 -18.63 -9.59
N LYS A 11 -2.15 -17.78 -10.38
CA LYS A 11 -1.83 -16.36 -10.38
C LYS A 11 -2.57 -15.66 -9.25
N GLU A 12 -1.90 -14.70 -8.62
CA GLU A 12 -2.60 -13.87 -7.64
C GLU A 12 -3.74 -13.15 -8.34
N PRO A 13 -4.83 -12.84 -7.63
CA PRO A 13 -5.93 -12.07 -8.21
C PRO A 13 -5.42 -10.79 -8.87
N GLU A 14 -5.94 -10.52 -10.07
CA GLU A 14 -5.47 -9.39 -10.83
C GLU A 14 -5.63 -8.07 -10.06
N GLN A 15 -6.68 -7.94 -9.24
CA GLN A 15 -6.87 -6.69 -8.50
C GLN A 15 -5.69 -6.38 -7.60
N LEU A 16 -5.02 -7.42 -7.10
CA LEU A 16 -3.88 -7.22 -6.21
C LEU A 16 -2.59 -6.96 -6.96
N ARG A 17 -2.61 -6.98 -8.29
CA ARG A 17 -1.41 -6.77 -9.10
C ARG A 17 -1.43 -5.44 -9.83
N LYS A 18 -2.42 -4.62 -9.53
CA LYS A 18 -2.61 -3.35 -10.25
C LYS A 18 -2.10 -2.16 -9.42
N LEU A 19 -1.56 -1.19 -10.15
CA LEU A 19 -1.20 0.06 -9.47
C LEU A 19 -1.91 1.22 -10.14
N PHE A 20 -2.67 1.98 -9.36
N PHE A 20 -2.66 1.99 -9.35
CA PHE A 20 -3.31 3.19 -9.90
CA PHE A 20 -3.31 3.20 -9.91
C PHE A 20 -2.22 4.26 -9.88
C PHE A 20 -2.25 4.30 -9.87
N ILE A 21 -2.00 4.93 -11.02
CA ILE A 21 -0.93 5.95 -11.10
C ILE A 21 -1.56 7.32 -11.30
N GLY A 22 -1.50 8.14 -10.26
CA GLY A 22 -2.08 9.47 -10.34
C GLY A 22 -1.02 10.51 -10.62
N GLY A 23 -1.47 11.70 -10.95
CA GLY A 23 -0.56 12.80 -11.17
C GLY A 23 0.28 12.70 -12.43
N LEU A 24 -0.22 12.00 -13.45
CA LEU A 24 0.54 11.86 -14.69
C LEU A 24 0.73 13.18 -15.39
N SER A 25 1.85 13.31 -16.08
CA SER A 25 1.94 14.32 -17.13
C SER A 25 0.89 14.05 -18.20
N PHE A 26 0.24 15.11 -18.70
CA PHE A 26 -0.69 14.90 -19.81
C PHE A 26 0.00 14.38 -21.07
N GLU A 27 1.34 14.49 -21.17
CA GLU A 27 2.08 13.91 -22.29
C GLU A 27 2.31 12.41 -22.17
N THR A 28 2.11 11.84 -20.99
CA THR A 28 2.34 10.40 -20.82
C THR A 28 1.33 9.60 -21.62
N THR A 29 1.81 8.55 -22.28
CA THR A 29 1.02 7.68 -23.12
C THR A 29 1.05 6.26 -22.57
N ASP A 30 0.18 5.40 -23.12
CA ASP A 30 0.27 3.98 -22.78
C ASP A 30 1.70 3.51 -22.93
N GLU A 31 2.35 3.94 -24.02
CA GLU A 31 3.67 3.44 -24.34
C GLU A 31 4.72 3.97 -23.35
N SER A 32 4.66 5.25 -23.00
CA SER A 32 5.72 5.77 -22.14
C SER A 32 5.50 5.35 -20.69
N LEU A 33 4.24 5.19 -20.28
CA LEU A 33 3.97 4.65 -18.95
C LEU A 33 4.46 3.21 -18.86
N ARG A 34 4.26 2.44 -19.94
CA ARG A 34 4.74 1.06 -19.97
C ARG A 34 6.26 1.01 -19.93
N SER A 35 6.92 1.80 -20.79
CA SER A 35 8.38 1.80 -20.80
C SER A 35 8.94 2.13 -19.42
N HIS A 36 8.30 3.05 -18.70
CA HIS A 36 8.77 3.35 -17.35
C HIS A 36 8.57 2.18 -16.41
N PHE A 37 7.33 1.68 -16.29
CA PHE A 37 7.08 0.73 -15.21
C PHE A 37 7.50 -0.71 -15.54
N GLU A 38 7.81 -1.02 -16.81
CA GLU A 38 8.42 -2.32 -17.11
C GLU A 38 9.78 -2.51 -16.46
N GLN A 39 10.40 -1.45 -15.93
CA GLN A 39 11.66 -1.61 -15.23
C GLN A 39 11.53 -2.51 -14.00
N TRP A 40 10.33 -2.63 -13.42
CA TRP A 40 10.17 -3.40 -12.19
C TRP A 40 9.35 -4.67 -12.38
N GLY A 41 8.99 -5.03 -13.60
CA GLY A 41 8.34 -6.31 -13.81
C GLY A 41 7.63 -6.36 -15.15
N THR A 42 7.06 -7.54 -15.41
CA THR A 42 6.26 -7.77 -16.60
C THR A 42 4.89 -7.11 -16.45
N LEU A 43 4.51 -6.27 -17.41
CA LEU A 43 3.22 -5.59 -17.39
C LEU A 43 2.25 -6.31 -18.31
N THR A 44 1.18 -6.87 -17.73
CA THR A 44 0.11 -7.48 -18.51
C THR A 44 -0.89 -6.45 -19.02
N ASP A 45 -0.93 -5.27 -18.43
CA ASP A 45 -1.80 -4.20 -18.90
C ASP A 45 -1.17 -2.87 -18.50
N CYS A 46 -1.45 -1.82 -19.27
CA CYS A 46 -0.90 -0.50 -18.98
C CYS A 46 -1.69 0.51 -19.80
N VAL A 47 -2.42 1.41 -19.15
N VAL A 47 -2.47 1.36 -19.12
CA VAL A 47 -3.23 2.30 -19.95
CA VAL A 47 -3.41 2.26 -19.79
C VAL A 47 -3.43 3.63 -19.23
C VAL A 47 -3.34 3.66 -19.16
N VAL A 48 -3.36 4.68 -20.01
CA VAL A 48 -3.61 6.05 -19.58
C VAL A 48 -5.09 6.35 -19.80
N MET A 49 -5.79 6.80 -18.75
CA MET A 49 -7.18 7.27 -18.91
C MET A 49 -7.23 8.57 -19.69
N ARG A 50 -8.11 8.60 -20.70
CA ARG A 50 -8.29 9.76 -21.55
C ARG A 50 -9.76 10.12 -21.67
N ASP A 51 -10.00 11.38 -22.00
CA ASP A 51 -11.37 11.82 -22.30
C ASP A 51 -11.89 11.10 -23.53
N PRO A 52 -13.14 10.61 -23.51
CA PRO A 52 -13.66 9.87 -24.67
C PRO A 52 -13.79 10.71 -25.93
N ASN A 53 -13.95 12.02 -25.81
CA ASN A 53 -14.16 12.90 -26.97
C ASN A 53 -12.90 13.62 -27.40
N THR A 54 -12.15 14.21 -26.46
CA THR A 54 -10.97 14.99 -26.82
C THR A 54 -9.70 14.16 -26.90
N LYS A 55 -9.70 12.96 -26.31
CA LYS A 55 -8.51 12.13 -26.12
C LYS A 55 -7.46 12.81 -25.23
N ARG A 56 -7.79 13.94 -24.60
CA ARG A 56 -6.86 14.55 -23.65
C ARG A 56 -6.77 13.69 -22.40
N SER A 57 -5.54 13.52 -21.90
CA SER A 57 -5.30 12.74 -20.71
C SER A 57 -6.12 13.23 -19.52
N ARG A 58 -6.65 12.29 -18.75
CA ARG A 58 -7.28 12.57 -17.48
C ARG A 58 -6.25 12.68 -16.35
N GLY A 59 -4.97 12.47 -16.65
CA GLY A 59 -3.95 12.67 -15.66
C GLY A 59 -3.72 11.48 -14.74
N PHE A 60 -4.33 10.37 -15.08
CA PHE A 60 -4.05 9.15 -14.30
C PHE A 60 -4.20 7.95 -15.19
N GLY A 61 -3.69 6.84 -14.67
CA GLY A 61 -3.81 5.59 -15.42
C GLY A 61 -3.50 4.44 -14.49
N PHE A 62 -3.36 3.25 -15.08
N PHE A 62 -3.33 3.26 -15.07
CA PHE A 62 -3.02 2.08 -14.24
CA PHE A 62 -3.05 2.06 -14.25
C PHE A 62 -2.13 1.10 -14.97
C PHE A 62 -2.14 1.10 -14.97
N VAL A 63 -1.37 0.33 -14.20
CA VAL A 63 -0.51 -0.70 -14.81
C VAL A 63 -0.87 -1.98 -14.04
N THR A 64 -0.77 -3.11 -14.71
CA THR A 64 -0.99 -4.38 -14.02
C THR A 64 0.26 -5.23 -14.21
N TYR A 65 0.85 -5.65 -13.09
CA TYR A 65 2.02 -6.52 -13.13
C TYR A 65 1.61 -7.99 -13.14
N ALA A 66 2.58 -8.84 -13.52
CA ALA A 66 2.34 -10.27 -13.55
C ALA A 66 2.25 -10.88 -12.14
N THR A 67 2.92 -10.27 -11.15
CA THR A 67 2.93 -10.79 -9.79
C THR A 67 2.87 -9.66 -8.77
N VAL A 68 2.45 -10.03 -7.55
CA VAL A 68 2.46 -9.07 -6.44
C VAL A 68 3.87 -8.63 -6.08
N GLU A 69 4.86 -9.55 -6.16
CA GLU A 69 6.24 -9.14 -5.89
C GLU A 69 6.67 -8.01 -6.82
N GLU A 70 6.18 -8.01 -8.07
CA GLU A 70 6.54 -6.91 -8.98
C GLU A 70 5.89 -5.60 -8.54
N VAL A 71 4.63 -5.65 -8.07
CA VAL A 71 4.00 -4.46 -7.50
C VAL A 71 4.87 -3.92 -6.37
N ASP A 72 5.30 -4.82 -5.48
CA ASP A 72 6.16 -4.43 -4.37
C ASP A 72 7.42 -3.74 -4.87
N ALA A 73 8.06 -4.33 -5.88
CA ALA A 73 9.28 -3.76 -6.45
C ALA A 73 9.03 -2.35 -6.97
N ALA A 74 7.93 -2.17 -7.68
CA ALA A 74 7.58 -0.84 -8.19
C ALA A 74 7.36 0.13 -7.04
N MET A 75 6.66 -0.30 -5.99
CA MET A 75 6.38 0.63 -4.91
C MET A 75 7.66 0.94 -4.14
N ASN A 76 8.56 -0.02 -4.03
CA ASN A 76 9.82 0.23 -3.33
C ASN A 76 10.75 1.13 -4.12
N ALA A 77 10.47 1.35 -5.40
CA ALA A 77 11.28 2.22 -6.24
C ALA A 77 10.75 3.64 -6.32
N ARG A 78 9.68 3.97 -5.60
CA ARG A 78 9.24 5.35 -5.50
C ARG A 78 10.35 6.21 -4.90
N PRO A 79 10.37 7.51 -5.19
CA PRO A 79 9.43 8.22 -6.07
C PRO A 79 9.72 7.94 -7.52
N HIS A 80 8.64 7.89 -8.29
CA HIS A 80 8.68 7.62 -9.72
C HIS A 80 8.50 8.94 -10.46
N LYS A 81 9.49 9.32 -11.24
CA LYS A 81 9.38 10.48 -12.13
C LYS A 81 9.14 9.92 -13.52
N VAL A 82 7.96 10.20 -14.06
CA VAL A 82 7.51 9.63 -15.33
C VAL A 82 7.30 10.78 -16.28
N ASP A 83 8.05 10.79 -17.39
CA ASP A 83 7.97 11.87 -18.37
C ASP A 83 8.11 13.23 -17.69
N GLY A 84 9.01 13.31 -16.71
CA GLY A 84 9.37 14.55 -16.08
C GLY A 84 8.55 14.94 -14.87
N ARG A 85 7.56 14.14 -14.47
CA ARG A 85 6.66 14.50 -13.40
C ARG A 85 6.64 13.39 -12.34
N VAL A 86 6.76 13.77 -11.07
CA VAL A 86 6.65 12.77 -10.00
C VAL A 86 5.19 12.34 -9.89
N VAL A 87 4.94 11.04 -10.06
CA VAL A 87 3.58 10.52 -10.07
C VAL A 87 3.26 9.89 -8.71
N GLU A 88 2.02 9.43 -8.55
CA GLU A 88 1.54 8.95 -7.26
C GLU A 88 0.93 7.56 -7.44
N PRO A 89 1.73 6.51 -7.28
CA PRO A 89 1.20 5.15 -7.43
C PRO A 89 0.56 4.68 -6.13
N LYS A 90 -0.53 3.92 -6.27
CA LYS A 90 -1.22 3.33 -5.12
C LYS A 90 -1.80 2.00 -5.54
N ARG A 91 -1.79 1.03 -4.63
CA ARG A 91 -2.46 -0.22 -4.93
C ARG A 91 -3.98 -0.01 -5.00
N ALA A 92 -4.62 -0.86 -5.81
CA ALA A 92 -6.09 -0.95 -5.81
C ALA A 92 -6.66 -0.97 -4.41
N HIS A 104 -9.48 5.36 -2.88
CA HIS A 104 -8.44 4.93 -1.93
C HIS A 104 -8.53 5.72 -0.63
N LEU A 105 -8.59 5.00 0.50
CA LEU A 105 -8.47 5.63 1.82
C LEU A 105 -6.99 5.62 2.18
N THR A 106 -6.31 6.74 1.91
CA THR A 106 -4.85 6.74 1.96
C THR A 106 -4.36 7.19 3.33
N VAL A 107 -4.08 6.21 4.20
CA VAL A 107 -3.66 6.52 5.56
C VAL A 107 -2.37 5.77 5.86
N LYS A 108 -1.71 6.21 6.94
CA LYS A 108 -0.44 5.63 7.38
C LYS A 108 -0.55 4.91 8.71
N LYS A 109 -1.76 4.73 9.23
CA LYS A 109 -1.93 4.20 10.57
C LYS A 109 -2.92 3.04 10.53
N ILE A 110 -2.63 2.00 11.32
CA ILE A 110 -3.50 0.84 11.45
C ILE A 110 -3.93 0.69 12.90
N PHE A 111 -5.13 0.15 13.05
CA PHE A 111 -5.63 -0.43 14.28
C PHE A 111 -5.30 -1.92 14.28
N VAL A 112 -4.81 -2.41 15.41
CA VAL A 112 -4.45 -3.82 15.60
C VAL A 112 -5.22 -4.29 16.81
N GLY A 113 -6.19 -5.17 16.61
CA GLY A 113 -6.97 -5.65 17.73
C GLY A 113 -6.81 -7.14 17.99
N GLY A 114 -7.20 -7.56 19.18
CA GLY A 114 -7.10 -8.97 19.54
C GLY A 114 -5.75 -9.37 20.10
N ILE A 115 -4.94 -8.40 20.55
CA ILE A 115 -3.60 -8.71 21.05
C ILE A 115 -3.57 -9.02 22.53
N LYS A 116 -4.68 -8.83 23.24
CA LYS A 116 -4.83 -9.22 24.64
C LYS A 116 -3.90 -8.42 25.53
N GLU A 117 -3.59 -8.95 26.72
CA GLU A 117 -2.78 -8.23 27.70
C GLU A 117 -1.30 -8.60 27.68
N ASP A 118 -0.90 -9.63 26.93
CA ASP A 118 0.50 -10.06 26.97
C ASP A 118 1.32 -9.56 25.79
N THR A 119 0.72 -8.86 24.84
CA THR A 119 1.45 -8.38 23.68
C THR A 119 2.17 -7.06 23.99
N GLU A 120 3.44 -7.01 23.64
CA GLU A 120 4.33 -5.89 23.94
C GLU A 120 4.71 -5.16 22.65
N GLU A 121 5.35 -3.99 22.84
CA GLU A 121 5.77 -3.18 21.71
C GLU A 121 6.68 -3.94 20.75
N HIS A 122 7.64 -4.69 21.29
CA HIS A 122 8.59 -5.38 20.42
C HIS A 122 7.91 -6.45 19.57
N HIS A 123 6.85 -7.09 20.09
CA HIS A 123 6.08 -8.04 19.29
C HIS A 123 5.53 -7.37 18.04
N LEU A 124 4.89 -6.22 18.23
CA LEU A 124 4.31 -5.47 17.12
C LEU A 124 5.40 -4.95 16.19
N ARG A 125 6.49 -4.41 16.76
CA ARG A 125 7.56 -3.89 15.92
C ARG A 125 8.17 -5.00 15.06
N ASP A 126 8.51 -6.12 15.69
CA ASP A 126 9.22 -7.17 14.96
C ASP A 126 8.39 -7.68 13.79
N TYR A 127 7.07 -7.76 13.98
CA TYR A 127 6.18 -8.21 12.91
C TYR A 127 5.96 -7.12 11.87
N PHE A 128 5.55 -5.93 12.29
CA PHE A 128 5.12 -4.96 11.29
C PHE A 128 6.25 -4.23 10.59
N GLU A 129 7.48 -4.28 11.12
CA GLU A 129 8.58 -3.58 10.47
C GLU A 129 8.90 -4.14 9.10
N GLN A 130 8.49 -5.37 8.82
CA GLN A 130 8.69 -5.92 7.49
C GLN A 130 7.65 -5.46 6.49
N TYR A 131 6.64 -4.69 6.92
CA TYR A 131 5.71 -4.03 6.00
C TYR A 131 6.11 -2.60 5.68
N GLY A 132 6.75 -1.93 6.62
CA GLY A 132 7.16 -0.57 6.35
C GLY A 132 7.90 -0.01 7.54
N LYS A 133 8.39 1.21 7.37
CA LYS A 133 9.13 1.89 8.42
C LYS A 133 8.18 2.42 9.47
N ILE A 134 8.35 1.99 10.72
CA ILE A 134 7.43 2.34 11.80
C ILE A 134 7.89 3.63 12.46
N GLU A 135 6.94 4.56 12.66
CA GLU A 135 7.20 5.80 13.40
C GLU A 135 6.61 5.81 14.80
N VAL A 136 5.43 5.21 15.01
CA VAL A 136 4.80 5.21 16.33
C VAL A 136 4.16 3.84 16.58
N ILE A 137 4.36 3.30 17.78
CA ILE A 137 3.58 2.17 18.25
C ILE A 137 2.89 2.59 19.54
N GLU A 138 1.58 2.49 19.57
CA GLU A 138 0.79 2.91 20.73
C GLU A 138 -0.04 1.72 21.22
N ILE A 139 0.40 1.10 22.31
CA ILE A 139 -0.33 0.00 22.93
C ILE A 139 -1.35 0.62 23.89
N MET A 140 -2.63 0.34 23.68
CA MET A 140 -3.66 1.08 24.37
C MET A 140 -3.88 0.53 25.76
N THR A 141 -3.97 1.43 26.73
CA THR A 141 -4.16 1.07 28.13
C THR A 141 -5.38 1.78 28.67
N ASP A 142 -5.94 1.19 29.72
CA ASP A 142 -7.15 1.74 30.32
C ASP A 142 -6.85 3.05 31.06
N ARG A 143 -7.67 4.07 30.80
CA ARG A 143 -7.48 5.39 31.38
C ARG A 143 -7.51 5.37 32.90
N GLY A 144 -8.28 4.45 33.48
CA GLY A 144 -8.42 4.40 34.93
C GLY A 144 -7.41 3.51 35.63
N SER A 145 -7.17 2.31 35.07
CA SER A 145 -6.35 1.30 35.72
C SER A 145 -4.96 1.14 35.12
N GLY A 146 -4.74 1.62 33.90
CA GLY A 146 -3.49 1.37 33.23
C GLY A 146 -3.36 -0.01 32.64
N LYS A 147 -4.35 -0.87 32.77
CA LYS A 147 -4.23 -2.21 32.21
C LYS A 147 -4.31 -2.16 30.69
N LYS A 148 -3.63 -3.09 30.04
CA LYS A 148 -3.72 -3.17 28.59
C LYS A 148 -5.13 -3.52 28.14
N ARG A 149 -5.59 -2.85 27.09
CA ARG A 149 -6.95 -3.04 26.60
C ARG A 149 -7.06 -4.05 25.48
N GLY A 150 -5.93 -4.54 24.97
CA GLY A 150 -5.97 -5.56 23.94
C GLY A 150 -5.98 -5.05 22.53
N PHE A 151 -5.63 -3.78 22.29
CA PHE A 151 -5.45 -3.29 20.94
C PHE A 151 -4.37 -2.22 20.92
N ALA A 152 -3.95 -1.87 19.71
CA ALA A 152 -2.82 -0.96 19.50
C ALA A 152 -3.00 -0.24 18.18
N PHE A 153 -2.27 0.86 18.04
CA PHE A 153 -2.15 1.57 16.77
C PHE A 153 -0.69 1.61 16.35
N VAL A 154 -0.44 1.36 15.07
CA VAL A 154 0.90 1.47 14.51
C VAL A 154 0.85 2.48 13.38
N THR A 155 1.77 3.46 13.42
CA THR A 155 1.88 4.49 12.40
C THR A 155 3.17 4.26 11.63
N PHE A 156 3.06 4.21 10.30
CA PHE A 156 4.19 4.04 9.40
C PHE A 156 4.52 5.35 8.73
N ASP A 157 5.68 5.39 8.05
CA ASP A 157 6.04 6.63 7.36
C ASP A 157 5.40 6.76 5.99
N ASP A 158 4.54 5.82 5.59
CA ASP A 158 4.04 5.82 4.21
C ASP A 158 2.85 4.87 4.12
N HIS A 159 1.95 5.17 3.18
CA HIS A 159 0.68 4.47 3.13
C HIS A 159 0.78 3.07 2.56
N ASP A 160 1.84 2.76 1.79
CA ASP A 160 1.83 1.46 1.11
C ASP A 160 1.97 0.32 2.10
N SER A 161 2.70 0.56 3.19
N SER A 161 2.67 0.57 3.21
CA SER A 161 2.77 -0.41 4.28
CA SER A 161 2.76 -0.44 4.26
C SER A 161 1.37 -0.83 4.70
C SER A 161 1.37 -0.84 4.73
N VAL A 162 0.52 0.16 5.00
CA VAL A 162 -0.85 -0.10 5.42
C VAL A 162 -1.62 -0.85 4.35
N ASP A 163 -1.48 -0.42 3.09
CA ASP A 163 -2.20 -1.07 2.00
C ASP A 163 -1.81 -2.54 1.88
N LYS A 164 -0.52 -2.86 2.00
CA LYS A 164 -0.09 -4.26 2.02
C LYS A 164 -0.70 -5.00 3.20
N ILE A 165 -0.73 -4.35 4.36
CA ILE A 165 -1.20 -5.02 5.57
C ILE A 165 -2.67 -5.40 5.47
N VAL A 166 -3.51 -4.45 5.06
CA VAL A 166 -4.95 -4.69 5.20
C VAL A 166 -5.52 -5.63 4.15
N ILE A 167 -4.77 -5.92 3.08
CA ILE A 167 -5.25 -6.89 2.11
C ILE A 167 -4.87 -8.33 2.46
N GLN A 168 -4.01 -8.54 3.46
CA GLN A 168 -3.76 -9.90 3.94
C GLN A 168 -5.01 -10.45 4.62
N LYS A 169 -5.28 -11.74 4.41
CA LYS A 169 -6.39 -12.38 5.11
C LYS A 169 -6.12 -12.53 6.61
N TYR A 170 -4.87 -12.74 7.01
CA TYR A 170 -4.53 -13.09 8.39
C TYR A 170 -3.34 -12.28 8.88
N HIS A 171 -3.31 -12.01 10.18
CA HIS A 171 -2.11 -11.49 10.83
C HIS A 171 -1.96 -12.19 12.17
N THR A 172 -0.80 -12.81 12.36
CA THR A 172 -0.49 -13.56 13.59
C THR A 172 0.64 -12.83 14.29
N VAL A 173 0.34 -12.31 15.47
CA VAL A 173 1.28 -11.51 16.26
C VAL A 173 1.26 -12.05 17.68
N ASN A 174 2.40 -12.51 18.16
CA ASN A 174 2.51 -13.02 19.54
C ASN A 174 1.54 -14.16 19.77
N GLY A 175 1.39 -15.02 18.76
CA GLY A 175 0.45 -16.14 18.82
C GLY A 175 -1.00 -15.79 18.63
N HIS A 176 -1.36 -14.51 18.64
CA HIS A 176 -2.75 -14.09 18.51
C HIS A 176 -3.11 -13.88 17.04
N ASN A 177 -4.32 -14.30 16.66
CA ASN A 177 -4.89 -13.96 15.36
C ASN A 177 -5.54 -12.59 15.48
N CYS A 178 -4.96 -11.59 14.82
CA CYS A 178 -5.32 -10.20 15.04
C CYS A 178 -6.27 -9.69 13.97
N GLU A 179 -7.07 -8.71 14.35
CA GLU A 179 -7.87 -7.95 13.39
C GLU A 179 -7.12 -6.65 13.11
N VAL A 180 -6.92 -6.34 11.83
CA VAL A 180 -6.14 -5.17 11.46
C VAL A 180 -6.94 -4.36 10.47
N ARG A 181 -7.09 -3.07 10.74
CA ARG A 181 -7.82 -2.23 9.80
C ARG A 181 -7.17 -0.85 9.73
N LYS A 182 -7.47 -0.13 8.66
CA LYS A 182 -7.02 1.25 8.55
C LYS A 182 -7.60 2.07 9.68
N ALA A 183 -6.80 3.00 10.21
CA ALA A 183 -7.19 3.88 11.30
C ALA A 183 -7.15 5.33 10.83
N LEU A 184 -8.23 6.05 11.08
CA LEU A 184 -8.42 7.49 10.77
C LEU A 184 -7.79 7.93 9.45
N1 ONQ B . 10.67 -6.52 -1.35
C4 ONQ B . 9.58 -3.98 3.26
C5 ONQ B . 9.00 -3.33 2.17
C6 ONQ B . 8.81 -1.97 2.18
C7 ONQ B . 9.80 -5.47 3.18
C8 ONQ B . 10.35 -6.43 1.03
O2 ONQ B . 10.34 -6.08 4.11
N ONQ B . 9.40 -6.08 2.07
C9 ONQ B . 9.86 -6.16 -0.37
O1 ONQ B . 8.75 -5.63 -0.57
C3 ONQ B . 9.94 -3.24 4.37
C2 ONQ B . 9.74 -1.87 4.40
C1 ONQ B . 9.16 -1.24 3.30
O ONQ B . 8.95 0.11 3.31
C ONQ B . 9.85 0.91 4.09
#